data_6NIF
#
_entry.id   6NIF
#
_cell.length_a   64.571
_cell.length_b   64.571
_cell.length_c   113.775
_cell.angle_alpha   90.00
_cell.angle_beta   90.00
_cell.angle_gamma   120.00
#
_symmetry.space_group_name_H-M   'P 32 2 1'
#
loop_
_entity.id
_entity.type
_entity.pdbx_description
1 polymer 'hREV7, GTP-binding nuclear protein Ran, hREV3 fusion'
2 water water
#
_entity_poly.entity_id   1
_entity_poly.type   'polypeptide(L)'
_entity_poly.pdbx_seq_one_letter_code
;GTTLTRQDLNFGQVVADVLCEFLEVAVHLILYVREVYPVGIFQKRKKYNVPVQMSCHPELNQYIQDTLHCVKPLLEKNDV
EKVVVVILDKEHRPVEKFVFEITQPPLLSISSDSLLSHVEQLLAAFILKISVCDAVLDHNPPGCTFTVLVHTREAATRNM
EKIQVIKDFPWILADEQDVHMHDPRLIPLKTMTSDILKMQLYVEERAHKGSGSGSGSGSGSGSGSGSGSGSKLIGDPNLE
FVAMPALAPPASREEIMATL
;
_entity_poly.pdbx_strand_id   A
#
# COMPACT_ATOMS: atom_id res chain seq x y z
N PHE A 11 -2.61 -6.42 20.67
CA PHE A 11 -3.66 -7.18 20.02
C PHE A 11 -3.97 -6.60 18.64
N GLY A 12 -4.88 -7.27 17.93
CA GLY A 12 -5.09 -6.93 16.54
C GLY A 12 -5.65 -5.53 16.31
N GLN A 13 -6.53 -5.07 17.21
CA GLN A 13 -7.18 -3.79 16.97
C GLN A 13 -6.21 -2.63 17.20
N VAL A 14 -5.26 -2.78 18.13
CA VAL A 14 -4.28 -1.73 18.39
C VAL A 14 -3.36 -1.54 17.19
N VAL A 15 -2.82 -2.63 16.64
CA VAL A 15 -1.94 -2.50 15.48
C VAL A 15 -2.74 -2.09 14.25
N ALA A 16 -4.03 -2.43 14.21
CA ALA A 16 -4.85 -2.03 13.07
C ALA A 16 -5.01 -0.52 13.02
N ASP A 17 -5.33 0.09 14.16
CA ASP A 17 -5.42 1.55 14.25
C ASP A 17 -4.09 2.19 13.87
N VAL A 18 -2.99 1.71 14.45
CA VAL A 18 -1.69 2.31 14.21
C VAL A 18 -1.32 2.19 12.72
N LEU A 19 -1.51 1.01 12.15
CA LEU A 19 -1.06 0.78 10.78
C LEU A 19 -1.88 1.58 9.77
N CYS A 20 -3.20 1.61 9.92
CA CYS A 20 -4.04 2.33 8.95
C CYS A 20 -3.76 3.83 8.98
N GLU A 21 -3.60 4.40 10.17
CA GLU A 21 -3.11 5.78 10.29
C GLU A 21 -1.81 5.94 9.51
N PHE A 22 -0.89 4.99 9.68
CA PHE A 22 0.42 5.10 9.02
C PHE A 22 0.30 4.89 7.53
N LEU A 23 -0.49 3.89 7.10
CA LEU A 23 -0.64 3.63 5.67
C LEU A 23 -1.24 4.82 4.94
N GLU A 24 -2.22 5.48 5.53
CA GLU A 24 -2.77 6.68 4.88
C GLU A 24 -1.68 7.70 4.61
N VAL A 25 -0.90 8.02 5.65
CA VAL A 25 0.20 8.97 5.51
C VAL A 25 1.16 8.50 4.43
N ALA A 26 1.58 7.23 4.48
CA ALA A 26 2.57 6.75 3.53
C ALA A 26 2.01 6.78 2.10
N VAL A 27 0.73 6.43 1.94
CA VAL A 27 0.15 6.43 0.60
C VAL A 27 0.13 7.85 0.04
N HIS A 28 -0.38 8.79 0.83
CA HIS A 28 -0.33 10.20 0.42
C HIS A 28 1.07 10.60 -0.02
N LEU A 29 2.08 10.21 0.77
CA LEU A 29 3.44 10.64 0.48
C LEU A 29 3.95 10.02 -0.81
N ILE A 30 3.69 8.73 -1.00
CA ILE A 30 4.09 8.06 -2.22
C ILE A 30 3.51 8.78 -3.43
N LEU A 31 2.21 9.08 -3.38
CA LEU A 31 1.58 9.81 -4.48
C LEU A 31 2.29 11.14 -4.73
N TYR A 32 2.74 11.80 -3.67
CA TYR A 32 3.47 13.06 -3.83
C TYR A 32 4.82 12.84 -4.50
N VAL A 33 5.69 12.03 -3.87
CA VAL A 33 7.06 11.94 -4.34
C VAL A 33 7.15 11.25 -5.68
N ARG A 34 6.15 10.44 -6.04
CA ARG A 34 6.16 9.82 -7.35
C ARG A 34 5.34 10.61 -8.35
N GLU A 35 4.84 11.77 -7.93
CA GLU A 35 4.17 12.73 -8.83
C GLU A 35 2.98 12.10 -9.55
N VAL A 36 2.20 11.30 -8.81
CA VAL A 36 0.99 10.72 -9.39
C VAL A 36 -0.10 11.78 -9.52
N TYR A 37 -0.23 12.64 -8.51
CA TYR A 37 -1.05 13.84 -8.52
C TYR A 37 -0.16 15.07 -8.48
N PRO A 38 -0.65 16.23 -8.91
CA PRO A 38 0.20 17.43 -8.93
C PRO A 38 0.56 17.90 -7.54
N VAL A 39 1.75 18.48 -7.42
CA VAL A 39 2.20 19.03 -6.14
C VAL A 39 1.18 20.01 -5.58
N GLY A 40 0.43 20.68 -6.45
CA GLY A 40 -0.52 21.70 -6.04
C GLY A 40 -1.69 21.20 -5.23
N ILE A 41 -1.94 19.88 -5.20
CA ILE A 41 -3.02 19.38 -4.35
C ILE A 41 -2.53 19.00 -2.96
N PHE A 42 -1.23 19.13 -2.69
CA PHE A 42 -0.64 18.65 -1.45
C PHE A 42 -0.28 19.80 -0.52
N GLN A 43 -0.57 19.59 0.76
CA GLN A 43 -0.26 20.50 1.84
C GLN A 43 0.73 19.82 2.78
N LYS A 44 1.81 20.51 3.12
CA LYS A 44 2.80 19.96 4.03
C LYS A 44 2.23 19.88 5.44
N ARG A 45 2.55 18.77 6.13
CA ARG A 45 2.17 18.57 7.52
C ARG A 45 3.31 17.85 8.22
N LYS A 46 3.12 17.54 9.49
CA LYS A 46 4.09 16.77 10.24
C LYS A 46 3.40 15.59 10.86
N LYS A 47 3.99 14.40 10.69
CA LYS A 47 3.51 13.17 11.30
C LYS A 47 4.72 12.39 11.77
N TYR A 48 4.64 11.84 12.98
CA TYR A 48 5.79 11.17 13.62
C TYR A 48 7.01 12.10 13.58
N ASN A 49 6.76 13.40 13.76
CA ASN A 49 7.80 14.43 13.80
C ASN A 49 8.60 14.51 12.50
N VAL A 50 8.01 14.08 11.39
CA VAL A 50 8.67 14.15 10.09
C VAL A 50 7.79 15.00 9.17
N PRO A 51 8.37 15.80 8.28
CA PRO A 51 7.55 16.50 7.27
C PRO A 51 6.94 15.51 6.29
N VAL A 52 5.62 15.63 6.09
CA VAL A 52 4.88 14.83 5.12
C VAL A 52 4.04 15.76 4.25
N GLN A 53 3.65 15.25 3.08
CA GLN A 53 2.71 15.90 2.18
C GLN A 53 1.39 15.14 2.23
N MET A 54 0.31 15.81 2.60
CA MET A 54 -1.03 15.23 2.59
C MET A 54 -1.89 15.89 1.53
N SER A 55 -2.68 15.08 0.82
CA SER A 55 -3.56 15.61 -0.22
C SER A 55 -4.75 16.34 0.39
N CYS A 56 -5.17 17.41 -0.28
CA CYS A 56 -6.38 18.15 0.03
C CYS A 56 -7.52 17.85 -0.93
N HIS A 57 -7.31 16.93 -1.86
CA HIS A 57 -8.31 16.52 -2.83
C HIS A 57 -9.31 15.61 -2.12
N PRO A 58 -10.50 16.11 -1.81
CA PRO A 58 -11.42 15.35 -0.94
C PRO A 58 -11.80 14.01 -1.49
N GLU A 59 -11.94 13.90 -2.81
CA GLU A 59 -12.32 12.62 -3.42
C GLU A 59 -11.16 11.64 -3.36
N LEU A 60 -9.94 12.12 -3.61
CA LEU A 60 -8.77 11.26 -3.45
C LEU A 60 -8.64 10.79 -2.02
N ASN A 61 -8.83 11.70 -1.06
CA ASN A 61 -8.72 11.36 0.35
C ASN A 61 -9.76 10.32 0.76
N GLN A 62 -10.99 10.47 0.27
CA GLN A 62 -12.02 9.49 0.58
C GLN A 62 -11.69 8.13 -0.04
N TYR A 63 -11.14 8.14 -1.25
CA TYR A 63 -10.76 6.88 -1.89
C TYR A 63 -9.73 6.14 -1.06
N ILE A 64 -8.75 6.85 -0.52
CA ILE A 64 -7.74 6.21 0.30
C ILE A 64 -8.33 5.74 1.62
N GLN A 65 -9.24 6.53 2.19
CA GLN A 65 -9.84 6.13 3.46
C GLN A 65 -10.79 4.95 3.28
N ASP A 66 -11.54 4.89 2.17
CA ASP A 66 -12.41 3.75 1.93
C ASP A 66 -11.57 2.47 1.77
N THR A 67 -10.52 2.54 0.97
CA THR A 67 -9.60 1.42 0.80
C THR A 67 -9.12 0.89 2.16
N LEU A 68 -8.61 1.79 3.00
CA LEU A 68 -8.06 1.37 4.27
C LEU A 68 -9.14 0.94 5.25
N HIS A 69 -10.37 1.42 5.09
N HIS A 69 -10.38 1.43 5.09
CA HIS A 69 -11.47 0.96 5.93
CA HIS A 69 -11.47 0.96 5.93
C HIS A 69 -11.83 -0.50 5.64
C HIS A 69 -11.78 -0.52 5.66
N CYS A 70 -11.47 -1.01 4.47
CA CYS A 70 -11.67 -2.43 4.16
C CYS A 70 -10.48 -3.27 4.59
N VAL A 71 -9.29 -2.68 4.60
CA VAL A 71 -8.10 -3.34 5.12
C VAL A 71 -8.18 -3.49 6.64
N LYS A 72 -8.74 -2.49 7.32
CA LYS A 72 -8.64 -2.44 8.79
C LYS A 72 -9.19 -3.68 9.48
N PRO A 73 -10.42 -4.14 9.20
CA PRO A 73 -10.88 -5.38 9.86
C PRO A 73 -10.03 -6.58 9.49
N LEU A 74 -9.38 -6.56 8.33
CA LEU A 74 -8.48 -7.64 7.97
C LEU A 74 -7.21 -7.61 8.83
N LEU A 75 -6.68 -6.41 9.10
CA LEU A 75 -5.56 -6.26 10.01
C LEU A 75 -5.96 -6.68 11.42
N GLU A 76 -7.20 -6.39 11.83
CA GLU A 76 -7.63 -6.75 13.17
C GLU A 76 -7.68 -8.27 13.36
N LYS A 77 -7.90 -9.03 12.30
CA LYS A 77 -7.89 -10.49 12.37
C LYS A 77 -6.55 -11.09 11.99
N ASN A 78 -5.51 -10.26 11.86
CA ASN A 78 -4.20 -10.71 11.40
C ASN A 78 -4.31 -11.48 10.09
N ASP A 79 -5.02 -10.89 9.15
CA ASP A 79 -5.27 -11.54 7.87
C ASP A 79 -4.69 -10.73 6.71
N VAL A 80 -3.63 -9.96 6.96
CA VAL A 80 -3.00 -9.17 5.91
C VAL A 80 -1.53 -9.55 5.86
N GLU A 81 -1.07 -9.95 4.69
CA GLU A 81 0.34 -10.18 4.43
C GLU A 81 1.01 -9.00 3.75
N LYS A 82 0.31 -8.32 2.84
CA LYS A 82 0.89 -7.19 2.13
C LYS A 82 -0.21 -6.17 1.83
N VAL A 83 0.14 -4.90 1.96
CA VAL A 83 -0.59 -3.81 1.33
C VAL A 83 0.38 -3.19 0.32
N VAL A 84 -0.06 -3.05 -0.92
CA VAL A 84 0.81 -2.63 -2.01
C VAL A 84 0.17 -1.43 -2.70
N VAL A 85 0.95 -0.37 -2.90
CA VAL A 85 0.60 0.72 -3.79
C VAL A 85 1.26 0.45 -5.12
N VAL A 86 0.45 0.28 -6.17
CA VAL A 86 0.96 0.04 -7.52
C VAL A 86 0.86 1.35 -8.28
N ILE A 87 1.93 1.74 -8.97
CA ILE A 87 1.90 2.86 -9.90
C ILE A 87 1.77 2.30 -11.31
N LEU A 88 0.71 2.69 -12.01
CA LEU A 88 0.44 2.23 -13.37
C LEU A 88 0.74 3.36 -14.36
N ASP A 89 1.43 3.04 -15.44
CA ASP A 89 1.63 4.05 -16.47
C ASP A 89 0.33 4.29 -17.24
N LYS A 90 0.35 5.28 -18.13
CA LYS A 90 -0.92 5.63 -18.78
C LYS A 90 -1.40 4.55 -19.73
N GLU A 91 -0.67 3.44 -19.87
CA GLU A 91 -1.12 2.24 -20.56
C GLU A 91 -1.65 1.18 -19.60
N HIS A 92 -1.84 1.53 -18.32
CA HIS A 92 -2.37 0.64 -17.29
C HIS A 92 -1.44 -0.52 -16.95
N ARG A 93 -0.17 -0.46 -17.34
CA ARG A 93 0.81 -1.46 -16.90
C ARG A 93 1.46 -1.01 -15.60
N PRO A 94 1.60 -1.88 -14.60
CA PRO A 94 2.36 -1.51 -13.40
C PRO A 94 3.77 -1.11 -13.76
N VAL A 95 4.19 0.04 -13.24
CA VAL A 95 5.55 0.51 -13.46
C VAL A 95 6.35 0.61 -12.16
N GLU A 96 5.70 0.77 -11.00
CA GLU A 96 6.34 0.71 -9.69
C GLU A 96 5.37 0.07 -8.71
N LYS A 97 5.91 -0.64 -7.72
CA LYS A 97 5.14 -1.19 -6.62
C LYS A 97 5.82 -0.86 -5.30
N PHE A 98 5.07 -0.34 -4.37
CA PHE A 98 5.54 -0.09 -3.01
C PHE A 98 4.88 -1.13 -2.14
N VAL A 99 5.63 -2.16 -1.73
CA VAL A 99 5.10 -3.32 -1.02
C VAL A 99 5.31 -3.12 0.47
N PHE A 100 4.22 -3.11 1.24
CA PHE A 100 4.27 -3.11 2.70
C PHE A 100 4.00 -4.53 3.17
N GLU A 101 5.08 -5.26 3.43
CA GLU A 101 5.02 -6.61 3.94
C GLU A 101 4.86 -6.55 5.46
N ILE A 102 3.75 -7.08 5.96
CA ILE A 102 3.30 -6.88 7.33
C ILE A 102 3.24 -8.23 8.04
N THR A 103 3.72 -8.28 9.29
CA THR A 103 3.58 -9.47 10.12
C THR A 103 3.22 -9.05 11.54
N GLN A 104 2.19 -9.71 12.10
CA GLN A 104 1.81 -9.52 13.49
C GLN A 104 2.11 -10.80 14.26
N PRO A 105 3.24 -10.88 14.96
CA PRO A 105 3.59 -12.14 15.64
C PRO A 105 2.61 -12.45 16.76
N PRO A 106 2.29 -13.74 16.96
CA PRO A 106 1.40 -14.13 18.06
C PRO A 106 2.08 -14.10 19.42
N LEU A 115 6.44 -0.90 22.50
CA LEU A 115 6.23 0.50 22.88
C LEU A 115 5.77 1.35 21.69
N LEU A 116 4.73 2.17 21.89
CA LEU A 116 4.17 2.98 20.81
C LEU A 116 5.15 4.06 20.36
N SER A 117 5.60 4.92 21.29
CA SER A 117 6.59 5.93 20.96
C SER A 117 7.79 5.32 20.25
N HIS A 118 8.11 4.06 20.58
CA HIS A 118 9.15 3.35 19.85
C HIS A 118 8.71 3.03 18.42
N VAL A 119 7.46 2.58 18.23
CA VAL A 119 7.05 2.23 16.87
C VAL A 119 6.81 3.48 16.05
N GLU A 120 6.35 4.57 16.68
CA GLU A 120 6.20 5.83 15.94
C GLU A 120 7.55 6.35 15.47
N GLN A 121 8.60 6.17 16.28
CA GLN A 121 9.95 6.44 15.80
C GLN A 121 10.33 5.45 14.69
N LEU A 122 9.96 4.18 14.86
CA LEU A 122 10.22 3.20 13.80
C LEU A 122 9.39 3.50 12.56
N LEU A 123 8.12 3.88 12.74
CA LEU A 123 7.31 4.26 11.59
C LEU A 123 7.91 5.45 10.88
N ALA A 124 8.35 6.47 11.63
CA ALA A 124 8.95 7.67 11.05
C ALA A 124 10.08 7.33 10.10
N ALA A 125 10.84 6.28 10.40
CA ALA A 125 11.93 5.86 9.52
C ALA A 125 11.42 5.46 8.14
N PHE A 126 10.24 4.85 8.07
CA PHE A 126 9.67 4.52 6.76
C PHE A 126 9.40 5.80 5.98
N ILE A 127 8.75 6.77 6.63
CA ILE A 127 8.45 8.06 6.01
C ILE A 127 9.71 8.69 5.43
N LEU A 128 10.79 8.71 6.21
CA LEU A 128 12.04 9.31 5.75
C LEU A 128 12.58 8.61 4.52
N LYS A 129 12.47 7.28 4.46
CA LYS A 129 13.00 6.57 3.30
C LYS A 129 12.12 6.77 2.06
N ILE A 130 10.80 6.86 2.25
CA ILE A 130 9.96 7.25 1.12
C ILE A 130 10.34 8.65 0.63
N SER A 131 10.62 9.57 1.54
CA SER A 131 10.99 10.93 1.10
C SER A 131 12.23 10.95 0.23
N VAL A 132 13.11 9.94 0.27
CA VAL A 132 14.30 9.96 -0.56
C VAL A 132 14.23 8.99 -1.72
N CYS A 133 13.15 8.20 -1.85
CA CYS A 133 13.18 7.18 -2.91
C CYS A 133 13.20 7.80 -4.30
N ASP A 134 12.74 9.05 -4.45
CA ASP A 134 12.80 9.63 -5.78
C ASP A 134 14.24 9.90 -6.24
N ALA A 135 15.22 9.78 -5.35
CA ALA A 135 16.63 9.94 -5.73
C ALA A 135 17.28 8.62 -6.16
N VAL A 136 16.61 7.49 -5.99
CA VAL A 136 17.10 6.22 -6.50
C VAL A 136 16.16 5.64 -7.56
N LEU A 137 14.85 5.77 -7.37
CA LEU A 137 13.91 5.41 -8.44
C LEU A 137 14.11 6.33 -9.62
N ASP A 138 14.13 5.77 -10.83
CA ASP A 138 14.15 6.59 -12.04
C ASP A 138 12.77 7.21 -12.27
N HIS A 139 12.75 8.31 -13.03
CA HIS A 139 11.53 9.09 -13.17
C HIS A 139 10.42 8.25 -13.84
N ASN A 140 9.15 8.49 -13.39
CA ASN A 140 8.00 7.80 -13.98
C ASN A 140 7.48 8.55 -15.19
N PRO A 141 7.04 7.80 -16.22
CA PRO A 141 6.43 8.46 -17.37
C PRO A 141 5.26 9.32 -16.91
N PRO A 142 4.93 10.36 -17.66
CA PRO A 142 3.85 11.26 -17.22
C PRO A 142 2.51 10.58 -17.33
N GLY A 143 1.60 10.95 -16.45
CA GLY A 143 0.24 10.45 -16.53
C GLY A 143 0.01 9.09 -15.89
N CYS A 144 0.77 8.76 -14.85
CA CYS A 144 0.54 7.54 -14.11
C CYS A 144 -0.68 7.70 -13.20
N THR A 145 -1.32 6.57 -12.93
CA THR A 145 -2.35 6.46 -11.89
C THR A 145 -1.86 5.46 -10.84
N PHE A 146 -2.70 5.19 -9.85
CA PHE A 146 -2.33 4.20 -8.86
C PHE A 146 -3.51 3.30 -8.54
N THR A 147 -3.17 2.12 -8.01
CA THR A 147 -4.15 1.24 -7.41
C THR A 147 -3.50 0.63 -6.18
N VAL A 148 -4.30 -0.07 -5.38
CA VAL A 148 -3.83 -0.75 -4.17
C VAL A 148 -4.11 -2.24 -4.32
N LEU A 149 -3.15 -3.08 -3.92
CA LEU A 149 -3.34 -4.52 -3.79
C LEU A 149 -3.30 -4.93 -2.32
N VAL A 150 -4.13 -5.88 -1.94
CA VAL A 150 -4.10 -6.47 -0.60
C VAL A 150 -3.91 -7.98 -0.76
N HIS A 151 -2.80 -8.50 -0.22
CA HIS A 151 -2.55 -9.93 -0.11
C HIS A 151 -2.96 -10.37 1.29
N THR A 152 -3.91 -11.28 1.40
CA THR A 152 -4.36 -11.72 2.70
C THR A 152 -3.57 -12.95 3.14
N ARG A 153 -3.89 -13.48 4.32
CA ARG A 153 -3.08 -14.52 4.93
C ARG A 153 -3.71 -15.90 4.88
N GLU A 154 -5.00 -16.01 5.13
CA GLU A 154 -5.64 -17.32 5.24
C GLU A 154 -5.62 -18.04 3.89
N ALA A 155 -5.84 -19.35 3.93
CA ALA A 155 -5.81 -20.16 2.72
C ALA A 155 -6.69 -19.53 1.63
N ALA A 156 -6.14 -19.45 0.42
CA ALA A 156 -6.76 -18.74 -0.69
C ALA A 156 -8.02 -19.47 -1.18
N THR A 157 -9.17 -18.77 -1.17
CA THR A 157 -10.33 -19.21 -1.93
C THR A 157 -10.93 -18.00 -2.65
N ARG A 158 -11.94 -18.26 -3.49
CA ARG A 158 -12.56 -17.18 -4.25
C ARG A 158 -13.51 -16.34 -3.44
N ASN A 159 -13.80 -16.72 -2.19
CA ASN A 159 -14.72 -15.95 -1.37
C ASN A 159 -14.07 -14.64 -0.95
N MET A 160 -14.68 -13.53 -1.37
CA MET A 160 -14.19 -12.18 -1.11
C MET A 160 -14.91 -11.50 0.04
N GLU A 161 -15.86 -12.18 0.68
CA GLU A 161 -16.77 -11.48 1.59
C GLU A 161 -16.02 -10.73 2.69
N LYS A 162 -14.84 -11.21 3.11
CA LYS A 162 -14.14 -10.57 4.22
C LYS A 162 -13.62 -9.17 3.88
N ILE A 163 -13.48 -8.85 2.60
CA ILE A 163 -12.99 -7.54 2.18
C ILE A 163 -14.09 -6.67 1.57
N GLN A 164 -15.24 -7.25 1.27
CA GLN A 164 -16.34 -6.48 0.67
C GLN A 164 -17.17 -5.80 1.76
N VAL A 165 -16.51 -5.02 2.62
CA VAL A 165 -17.20 -4.43 3.77
C VAL A 165 -17.88 -3.11 3.46
N ILE A 166 -17.64 -2.52 2.29
CA ILE A 166 -18.36 -1.32 1.85
C ILE A 166 -19.02 -1.64 0.51
N LYS A 167 -20.35 -1.74 0.51
CA LYS A 167 -21.07 -2.15 -0.69
C LYS A 167 -20.69 -1.30 -1.90
N ASP A 168 -20.61 0.01 -1.73
CA ASP A 168 -20.31 0.86 -2.88
C ASP A 168 -18.82 0.96 -3.17
N PHE A 169 -17.97 0.32 -2.38
CA PHE A 169 -16.54 0.29 -2.64
C PHE A 169 -16.13 -1.16 -2.90
N PRO A 170 -16.46 -1.69 -4.08
CA PRO A 170 -16.21 -3.10 -4.32
C PRO A 170 -14.75 -3.39 -4.60
N TRP A 171 -14.32 -4.57 -4.15
CA TRP A 171 -13.03 -5.13 -4.50
C TRP A 171 -13.24 -6.27 -5.49
N ILE A 172 -12.23 -6.44 -6.36
CA ILE A 172 -12.19 -7.46 -7.37
C ILE A 172 -10.87 -8.20 -7.23
N LEU A 173 -10.86 -9.48 -7.62
CA LEU A 173 -9.64 -10.27 -7.54
C LEU A 173 -8.64 -9.83 -8.59
N ALA A 174 -7.38 -9.65 -8.18
CA ALA A 174 -6.34 -9.18 -9.10
C ALA A 174 -5.93 -10.28 -10.08
N ASP A 175 -5.43 -9.87 -11.23
CA ASP A 175 -4.88 -10.79 -12.22
C ASP A 175 -3.36 -10.71 -12.20
N GLU A 176 -2.70 -11.76 -12.73
CA GLU A 176 -1.25 -11.76 -12.87
C GLU A 176 -0.71 -10.44 -13.45
N GLN A 177 -1.39 -9.88 -14.44
CA GLN A 177 -0.96 -8.59 -15.00
C GLN A 177 -1.06 -7.46 -13.98
N ASP A 178 -2.04 -7.53 -13.07
CA ASP A 178 -2.18 -6.48 -12.07
C ASP A 178 -1.06 -6.48 -11.05
N VAL A 179 -0.35 -7.60 -10.89
CA VAL A 179 0.44 -7.89 -9.71
C VAL A 179 1.92 -8.01 -10.02
N HIS A 180 2.26 -8.86 -10.97
CA HIS A 180 3.65 -9.28 -11.09
C HIS A 180 4.37 -8.38 -12.09
N MET A 181 5.37 -7.67 -11.55
CA MET A 181 6.15 -6.69 -12.30
C MET A 181 7.08 -7.41 -13.28
N HIS A 182 7.44 -6.70 -14.34
CA HIS A 182 8.23 -7.26 -15.43
C HIS A 182 9.70 -6.99 -15.17
N ASP A 183 10.47 -8.08 -14.95
CA ASP A 183 11.92 -8.08 -14.69
C ASP A 183 12.27 -6.95 -13.72
N PRO A 184 11.84 -7.05 -12.47
CA PRO A 184 11.85 -5.87 -11.60
C PRO A 184 13.21 -5.60 -10.98
N ARG A 185 13.53 -4.31 -10.86
CA ARG A 185 14.64 -3.86 -10.05
C ARG A 185 14.13 -3.70 -8.62
N LEU A 186 14.84 -4.26 -7.66
CA LEU A 186 14.37 -4.30 -6.27
C LEU A 186 15.12 -3.26 -5.45
N ILE A 187 14.37 -2.38 -4.78
CA ILE A 187 14.93 -1.33 -3.92
C ILE A 187 14.26 -1.38 -2.55
N PRO A 188 14.85 -2.09 -1.58
CA PRO A 188 14.35 -1.99 -0.22
C PRO A 188 14.44 -0.57 0.29
N LEU A 189 13.47 -0.17 1.11
CA LEU A 189 13.45 1.14 1.71
C LEU A 189 13.65 1.08 3.22
N LYS A 190 12.83 0.32 3.93
CA LYS A 190 12.92 0.29 5.36
C LYS A 190 12.37 -1.02 5.90
N THR A 191 13.00 -1.51 6.95
CA THR A 191 12.56 -2.69 7.68
C THR A 191 12.49 -2.30 9.14
N MET A 192 11.45 -2.76 9.82
CA MET A 192 11.35 -2.60 11.26
C MET A 192 11.02 -3.93 11.90
N THR A 193 11.47 -4.08 13.14
CA THR A 193 11.08 -5.20 13.97
C THR A 193 10.67 -4.63 15.31
N SER A 194 9.46 -4.98 15.75
CA SER A 194 8.98 -4.49 17.01
C SER A 194 8.37 -5.65 17.78
N ASP A 195 7.99 -5.37 19.03
CA ASP A 195 7.42 -6.42 19.85
C ASP A 195 6.07 -6.88 19.30
N ILE A 196 5.32 -5.97 18.68
CA ILE A 196 3.96 -6.28 18.22
C ILE A 196 3.80 -6.16 16.71
N LEU A 197 4.81 -5.70 15.99
CA LEU A 197 4.68 -5.50 14.55
C LEU A 197 6.03 -5.64 13.88
N LYS A 198 6.10 -6.46 12.84
CA LYS A 198 7.25 -6.45 11.94
C LYS A 198 6.77 -6.05 10.55
N MET A 199 7.55 -5.19 9.89
CA MET A 199 7.13 -4.65 8.60
C MET A 199 8.33 -4.35 7.73
N GLN A 200 8.17 -4.60 6.43
CA GLN A 200 9.20 -4.36 5.44
C GLN A 200 8.60 -3.58 4.27
N LEU A 201 9.25 -2.50 3.87
CA LEU A 201 8.81 -1.71 2.73
C LEU A 201 9.92 -1.76 1.68
N TYR A 202 9.55 -2.16 0.47
CA TYR A 202 10.47 -2.19 -0.64
C TYR A 202 9.73 -1.81 -1.91
N VAL A 203 10.49 -1.41 -2.91
CA VAL A 203 9.95 -0.97 -4.20
C VAL A 203 10.41 -1.94 -5.26
N GLU A 204 9.48 -2.34 -6.13
CA GLU A 204 9.81 -3.04 -7.35
C GLU A 204 9.59 -2.06 -8.50
N GLU A 205 10.63 -1.81 -9.27
CA GLU A 205 10.62 -0.87 -10.36
C GLU A 205 10.77 -1.61 -11.67
N ARG A 206 9.89 -1.33 -12.62
CA ARG A 206 10.00 -1.98 -13.93
C ARG A 206 11.30 -1.56 -14.61
N ALA A 207 11.94 -2.53 -15.27
CA ALA A 207 13.21 -2.29 -15.96
C ALA A 207 13.11 -1.06 -16.87
N HIS A 208 12.02 -0.96 -17.63
CA HIS A 208 11.73 0.22 -18.45
C HIS A 208 12.80 0.43 -19.52
N SER A 231 2.95 -23.72 -13.65
CA SER A 231 2.06 -24.52 -12.80
C SER A 231 1.00 -23.69 -12.12
N LYS A 232 -0.26 -24.09 -12.28
CA LYS A 232 -1.36 -23.48 -11.53
C LYS A 232 -2.19 -24.62 -10.95
N LEU A 233 -1.65 -25.28 -9.94
CA LEU A 233 -2.31 -26.42 -9.32
C LEU A 233 -2.98 -25.99 -8.03
N ILE A 234 -4.17 -26.54 -7.77
CA ILE A 234 -4.94 -26.04 -6.63
C ILE A 234 -4.24 -26.36 -5.30
N GLY A 235 -3.45 -27.42 -5.22
CA GLY A 235 -2.83 -27.65 -3.92
C GLY A 235 -1.58 -26.85 -3.61
N ASP A 236 -1.14 -25.99 -4.53
CA ASP A 236 0.10 -25.24 -4.39
C ASP A 236 0.05 -24.33 -3.15
N PRO A 237 0.96 -24.48 -2.19
CA PRO A 237 0.93 -23.62 -1.00
C PRO A 237 1.27 -22.17 -1.29
N ASN A 238 1.81 -21.86 -2.47
CA ASN A 238 2.03 -20.48 -2.86
C ASN A 238 0.78 -19.80 -3.40
N LEU A 239 -0.36 -20.49 -3.44
CA LEU A 239 -1.59 -19.87 -3.94
C LEU A 239 -1.99 -18.70 -3.05
N GLU A 240 -2.33 -17.56 -3.66
CA GLU A 240 -2.56 -16.30 -2.94
C GLU A 240 -3.93 -15.72 -3.24
N PHE A 241 -4.59 -15.18 -2.21
CA PHE A 241 -5.73 -14.29 -2.38
C PHE A 241 -5.19 -12.86 -2.50
N VAL A 242 -5.36 -12.25 -3.67
CA VAL A 242 -4.96 -10.86 -3.89
C VAL A 242 -6.14 -10.11 -4.52
N ALA A 243 -6.55 -9.01 -3.89
CA ALA A 243 -7.67 -8.18 -4.33
C ALA A 243 -7.24 -6.72 -4.46
N MET A 244 -7.94 -6.00 -5.32
CA MET A 244 -7.77 -4.56 -5.55
C MET A 244 -9.14 -3.90 -5.64
N PRO A 245 -9.26 -2.63 -5.26
CA PRO A 245 -10.54 -1.94 -5.46
C PRO A 245 -10.93 -1.98 -6.93
N ALA A 246 -12.20 -2.24 -7.19
CA ALA A 246 -12.69 -2.18 -8.58
C ALA A 246 -12.73 -0.73 -9.08
N LEU A 247 -13.12 0.18 -8.21
CA LEU A 247 -13.17 1.60 -8.59
C LEU A 247 -11.76 2.19 -8.66
N ALA A 248 -11.54 2.98 -9.68
CA ALA A 248 -10.28 3.69 -9.85
C ALA A 248 -10.26 4.98 -9.04
N PRO A 249 -9.08 5.45 -8.63
CA PRO A 249 -8.99 6.73 -7.92
C PRO A 249 -9.30 7.89 -8.84
N PRO A 250 -9.60 9.07 -8.29
CA PRO A 250 -9.88 10.24 -9.12
C PRO A 250 -8.71 10.52 -10.06
N ALA A 251 -9.04 10.89 -11.29
CA ALA A 251 -8.00 11.28 -12.23
C ALA A 251 -7.36 12.59 -11.79
N SER A 252 -6.12 12.81 -12.23
CA SER A 252 -5.36 14.00 -11.85
C SER A 252 -5.42 15.08 -12.92
#